data_1QOY
#
_entry.id   1QOY
#
_cell.length_a   84.470
_cell.length_b   84.470
_cell.length_c   142.690
_cell.angle_alpha   90.00
_cell.angle_beta   90.00
_cell.angle_gamma   90.00
#
_symmetry.space_group_name_H-M   'P 43 21 2'
#
loop_
_entity.id
_entity.type
_entity.pdbx_description
1 polymer 'HEMOLYSIN E'
2 non-polymer 'SULFATE ION'
3 water water
#
_entity_poly.entity_id   1
_entity_poly.type   'polypeptide(L)'
_entity_poly.pdbx_seq_one_letter_code
;GSPGISGGGGGILDSMAEIVADKTVEVVKNAIETADGALDLYNKYLDQVIPWQTFDETIKELSRFKQEYSQAASVLVGDI
KTLLMDSQDKYFEATQTVYEWCGVATQLLAAYILLFDEYNEKKASAQKDILIKVLDDGITKLNEAQKSLLVSSQSFNNAS
GKLLALDSQLTNDFSEKSSYFQSQVDKIRKEAYAGAAAGVVVGPFGLIISYSIAAGVVEGKLIPELKNKLKSVQNFFTTL
SNTVKQANKDIDAAKLKLTTEIAAIGEIKTETETTRFYVDYDDLMLSLLKEAAKKMINTCNEYQKRHGKKTLFEVPEV
;
_entity_poly.pdbx_strand_id   A
#
loop_
_chem_comp.id
_chem_comp.type
_chem_comp.name
_chem_comp.formula
SO4 non-polymer 'SULFATE ION' 'O4 S -2'
#
# COMPACT_ATOMS: atom_id res chain seq x y z
N GLY A 11 41.02 16.27 -33.26
CA GLY A 11 40.59 17.57 -33.85
C GLY A 11 39.40 18.16 -33.11
N ILE A 12 39.09 19.37 -33.56
CA ILE A 12 37.99 20.17 -33.03
C ILE A 12 36.64 19.48 -33.25
N LEU A 13 36.44 18.90 -34.43
CA LEU A 13 35.19 18.22 -34.73
C LEU A 13 34.97 17.02 -33.82
N ASP A 14 36.04 16.27 -33.62
CA ASP A 14 36.02 15.10 -32.75
C ASP A 14 35.71 15.47 -31.31
N SER A 15 36.29 16.55 -30.78
CA SER A 15 36.02 16.97 -29.41
C SER A 15 34.54 17.31 -29.27
N MET A 16 34.01 18.09 -30.23
CA MET A 16 32.61 18.45 -30.18
C MET A 16 31.74 17.19 -30.23
N ALA A 17 32.06 16.25 -31.11
CA ALA A 17 31.28 15.00 -31.20
C ALA A 17 31.27 14.25 -29.88
N GLU A 18 32.44 14.15 -29.24
CA GLU A 18 32.51 13.43 -27.96
C GLU A 18 31.65 14.10 -26.89
N ILE A 19 31.63 15.42 -26.78
CA ILE A 19 30.82 16.11 -25.80
C ILE A 19 29.33 15.88 -26.07
N VAL A 20 28.93 15.91 -27.34
CA VAL A 20 27.50 15.67 -27.68
C VAL A 20 27.14 14.24 -27.30
N ALA A 21 28.02 13.30 -27.65
CA ALA A 21 27.74 11.90 -27.30
C ALA A 21 27.62 11.72 -25.80
N ASP A 22 28.49 12.27 -24.95
CA ASP A 22 28.39 12.14 -23.52
C ASP A 22 27.11 12.80 -22.99
N LYS A 23 26.66 13.86 -23.65
CA LYS A 23 25.45 14.56 -23.24
C LYS A 23 24.24 13.63 -23.47
N THR A 24 24.21 13.03 -24.65
CA THR A 24 23.16 12.04 -25.00
C THR A 24 23.13 10.91 -23.99
N VAL A 25 24.29 10.34 -23.64
CA VAL A 25 24.33 9.24 -22.64
C VAL A 25 23.74 9.72 -21.32
N GLU A 26 24.12 10.92 -20.89
CA GLU A 26 23.61 11.51 -19.66
C GLU A 26 22.10 11.68 -19.67
N VAL A 27 21.55 12.17 -20.77
CA VAL A 27 20.12 12.41 -20.90
C VAL A 27 19.34 11.11 -20.86
N VAL A 28 19.74 10.16 -21.67
CA VAL A 28 19.13 8.85 -21.73
C VAL A 28 19.17 8.14 -20.39
N LYS A 29 20.34 8.12 -19.77
CA LYS A 29 20.48 7.45 -18.46
C LYS A 29 19.55 8.14 -17.48
N ASN A 30 19.44 9.48 -17.55
CA ASN A 30 18.56 10.21 -16.68
C ASN A 30 17.10 9.85 -16.99
N ALA A 31 16.75 9.74 -18.27
CA ALA A 31 15.37 9.40 -18.66
C ALA A 31 14.92 8.10 -17.99
N ILE A 32 15.72 7.06 -18.19
CA ILE A 32 15.44 5.73 -17.63
C ILE A 32 15.43 5.67 -16.11
N GLU A 33 16.44 6.26 -15.47
CA GLU A 33 16.51 6.26 -14.01
C GLU A 33 15.37 7.07 -13.40
N THR A 34 14.88 8.10 -14.09
CA THR A 34 13.78 8.91 -13.56
C THR A 34 12.48 8.10 -13.59
N ALA A 35 12.25 7.41 -14.69
CA ALA A 35 11.07 6.54 -14.86
C ALA A 35 11.15 5.39 -13.84
N ASP A 36 12.31 4.77 -13.74
CA ASP A 36 12.52 3.67 -12.77
C ASP A 36 12.30 4.14 -11.33
N GLY A 37 12.70 5.38 -11.05
CA GLY A 37 12.57 5.99 -9.72
C GLY A 37 11.09 6.18 -9.38
N ALA A 38 10.24 6.54 -10.33
CA ALA A 38 8.81 6.70 -10.10
C ALA A 38 8.19 5.33 -9.87
N LEU A 39 8.58 4.30 -10.65
CA LEU A 39 8.05 2.97 -10.45
C LEU A 39 8.34 2.40 -9.06
N ASP A 40 9.57 2.69 -8.58
CA ASP A 40 9.99 2.29 -7.24
C ASP A 40 9.14 2.93 -6.15
N LEU A 41 8.45 4.05 -6.37
CA LEU A 41 7.53 4.54 -5.32
C LEU A 41 6.37 3.55 -5.16
N TYR A 42 6.11 2.71 -6.18
CA TYR A 42 5.09 1.69 -6.08
C TYR A 42 5.80 0.39 -5.65
N ASN A 43 6.82 -0.07 -6.39
CA ASN A 43 7.49 -1.32 -6.14
C ASN A 43 8.16 -1.43 -4.77
N LYS A 44 8.79 -0.35 -4.32
CA LYS A 44 9.45 -0.43 -3.03
C LYS A 44 8.69 0.26 -1.92
N TYR A 45 8.35 1.54 -2.13
CA TYR A 45 7.68 2.29 -1.07
C TYR A 45 6.28 1.76 -0.79
N LEU A 46 5.32 1.99 -1.69
CA LEU A 46 3.95 1.56 -1.41
C LEU A 46 3.80 0.07 -1.20
N ASP A 47 4.41 -0.79 -2.01
CA ASP A 47 4.16 -2.22 -1.77
C ASP A 47 4.78 -2.82 -0.53
N GLN A 48 5.87 -2.24 -0.02
CA GLN A 48 6.61 -2.77 1.11
C GLN A 48 6.53 -1.99 2.40
N VAL A 49 6.37 -0.67 2.32
CA VAL A 49 6.31 0.13 3.54
C VAL A 49 4.96 -0.08 4.21
N ILE A 50 3.83 0.06 3.57
CA ILE A 50 2.49 -0.07 4.19
C ILE A 50 2.14 -1.54 4.31
N PRO A 51 1.62 -2.01 5.46
CA PRO A 51 1.31 -3.42 5.65
C PRO A 51 -0.06 -3.85 5.10
N TRP A 52 -0.20 -3.87 3.78
CA TRP A 52 -1.44 -4.28 3.14
C TRP A 52 -1.98 -5.62 3.63
N GLN A 53 -1.13 -6.61 3.85
CA GLN A 53 -1.60 -7.92 4.33
C GLN A 53 -2.18 -7.84 5.73
N THR A 54 -1.67 -6.97 6.59
CA THR A 54 -2.16 -6.73 7.93
C THR A 54 -3.56 -6.14 7.80
N PHE A 55 -3.79 -5.21 6.87
CA PHE A 55 -5.09 -4.62 6.66
C PHE A 55 -6.07 -5.71 6.17
N ASP A 56 -5.54 -6.55 5.27
CA ASP A 56 -6.43 -7.63 4.79
C ASP A 56 -6.86 -8.55 5.92
N GLU A 57 -5.93 -9.00 6.78
CA GLU A 57 -6.27 -9.90 7.88
C GLU A 57 -7.24 -9.24 8.86
N THR A 58 -7.07 -7.94 9.07
CA THR A 58 -7.91 -7.10 9.92
C THR A 58 -9.32 -7.05 9.37
N ILE A 59 -9.47 -6.75 8.07
CA ILE A 59 -10.78 -6.69 7.44
C ILE A 59 -11.54 -8.00 7.61
N LYS A 60 -10.88 -9.12 7.37
CA LYS A 60 -11.44 -10.44 7.50
C LYS A 60 -11.87 -10.78 8.91
N GLU A 61 -11.35 -10.14 9.95
CA GLU A 61 -11.74 -10.45 11.31
C GLU A 61 -12.62 -9.45 12.00
N LEU A 62 -12.93 -8.30 11.41
CA LEU A 62 -13.79 -7.33 12.05
C LEU A 62 -15.18 -7.87 12.36
N SER A 63 -15.69 -8.94 11.75
CA SER A 63 -17.03 -9.43 12.13
C SER A 63 -16.94 -10.34 13.35
N ARG A 64 -15.74 -10.71 13.85
CA ARG A 64 -15.70 -11.61 15.02
C ARG A 64 -16.40 -11.01 16.23
N PHE A 65 -17.24 -11.73 16.96
CA PHE A 65 -18.02 -11.30 18.09
C PHE A 65 -18.92 -10.09 17.77
N LYS A 66 -19.30 -9.87 16.53
CA LYS A 66 -20.14 -8.78 16.08
C LYS A 66 -21.45 -8.67 16.88
N GLN A 67 -22.12 -9.76 17.18
CA GLN A 67 -23.34 -9.78 17.95
C GLN A 67 -23.12 -9.32 19.40
N GLU A 68 -21.92 -9.26 19.95
CA GLU A 68 -21.73 -8.89 21.34
C GLU A 68 -21.61 -7.40 21.54
N TYR A 69 -21.26 -6.66 20.48
CA TYR A 69 -21.14 -5.21 20.69
C TYR A 69 -22.49 -4.52 20.94
N SER A 70 -22.46 -3.34 21.57
CA SER A 70 -23.69 -2.57 21.67
C SER A 70 -24.07 -2.27 20.21
N GLN A 71 -25.32 -1.92 19.96
CA GLN A 71 -25.80 -1.59 18.62
C GLN A 71 -25.03 -0.44 17.97
N ALA A 72 -24.71 0.59 18.75
CA ALA A 72 -23.98 1.74 18.26
C ALA A 72 -22.53 1.45 17.94
N ALA A 73 -21.88 0.59 18.73
CA ALA A 73 -20.46 0.26 18.45
C ALA A 73 -20.45 -0.59 17.19
N SER A 74 -21.44 -1.49 17.10
CA SER A 74 -21.55 -2.38 15.95
C SER A 74 -21.67 -1.68 14.62
N VAL A 75 -22.43 -0.57 14.60
CA VAL A 75 -22.61 0.23 13.40
C VAL A 75 -21.25 0.84 13.00
N LEU A 76 -20.49 1.37 13.97
CA LEU A 76 -19.18 1.96 13.66
C LEU A 76 -18.21 0.88 13.20
N VAL A 77 -18.26 -0.30 13.84
CA VAL A 77 -17.38 -1.38 13.41
C VAL A 77 -17.64 -1.72 11.94
N GLY A 78 -18.90 -1.83 11.54
CA GLY A 78 -19.30 -2.10 10.16
C GLY A 78 -18.84 -1.00 9.19
N ASP A 79 -18.97 0.28 9.55
CA ASP A 79 -18.54 1.42 8.74
C ASP A 79 -17.00 1.42 8.57
N ILE A 80 -16.28 1.10 9.66
CA ILE A 80 -14.81 1.01 9.60
C ILE A 80 -14.40 -0.09 8.63
N LYS A 81 -15.01 -1.27 8.70
CA LYS A 81 -14.70 -2.38 7.79
C LYS A 81 -14.90 -1.94 6.34
N THR A 82 -16.05 -1.33 6.07
CA THR A 82 -16.37 -0.89 4.71
C THR A 82 -15.33 0.12 4.25
N LEU A 83 -14.96 1.10 5.08
CA LEU A 83 -13.94 2.07 4.66
C LEU A 83 -12.57 1.44 4.44
N LEU A 84 -12.14 0.49 5.29
CA LEU A 84 -10.80 -0.12 5.05
C LEU A 84 -10.79 -0.96 3.80
N MET A 85 -11.97 -1.61 3.54
CA MET A 85 -12.13 -2.37 2.29
C MET A 85 -11.97 -1.43 1.10
N ASP A 86 -12.53 -0.22 1.18
CA ASP A 86 -12.34 0.75 0.08
C ASP A 86 -10.87 1.21 -0.04
N SER A 87 -10.18 1.49 1.05
CA SER A 87 -8.76 1.90 0.96
C SER A 87 -7.92 0.83 0.28
N GLN A 88 -8.18 -0.43 0.65
CA GLN A 88 -7.46 -1.54 0.00
C GLN A 88 -7.81 -1.62 -1.48
N ASP A 89 -9.11 -1.55 -1.76
CA ASP A 89 -9.63 -1.58 -3.15
C ASP A 89 -8.98 -0.54 -4.04
N LYS A 90 -8.96 0.71 -3.57
CA LYS A 90 -8.35 1.79 -4.37
C LYS A 90 -6.83 1.65 -4.49
N TYR A 91 -6.13 1.06 -3.53
CA TYR A 91 -4.70 0.79 -3.63
C TYR A 91 -4.49 -0.26 -4.73
N PHE A 92 -5.35 -1.29 -4.82
CA PHE A 92 -5.24 -2.32 -5.83
C PHE A 92 -5.64 -1.75 -7.20
N GLU A 93 -6.51 -0.75 -7.27
CA GLU A 93 -6.86 -0.13 -8.55
C GLU A 93 -5.66 0.66 -9.09
N ALA A 94 -4.92 1.37 -8.24
CA ALA A 94 -3.72 2.10 -8.61
C ALA A 94 -2.69 1.08 -9.11
N THR A 95 -2.53 -0.03 -8.38
CA THR A 95 -1.61 -1.10 -8.71
C THR A 95 -1.89 -1.69 -10.07
N GLN A 96 -3.16 -1.89 -10.48
CA GLN A 96 -3.40 -2.45 -11.80
C GLN A 96 -2.95 -1.50 -12.90
N THR A 97 -3.20 -0.20 -12.71
CA THR A 97 -2.83 0.80 -13.71
C THR A 97 -1.31 0.82 -13.89
N VAL A 98 -0.58 0.76 -12.77
CA VAL A 98 0.88 0.70 -12.83
C VAL A 98 1.31 -0.59 -13.51
N TYR A 99 0.66 -1.70 -13.19
CA TYR A 99 0.97 -3.01 -13.78
C TYR A 99 0.89 -2.91 -15.29
N GLU A 100 -0.13 -2.23 -15.81
CA GLU A 100 -0.30 -2.05 -17.26
C GLU A 100 0.91 -1.31 -17.87
N TRP A 101 1.42 -0.30 -17.16
CA TRP A 101 2.60 0.45 -17.66
C TRP A 101 3.79 -0.49 -17.71
N CYS A 102 4.02 -1.27 -16.65
CA CYS A 102 5.10 -2.23 -16.58
C CYS A 102 5.08 -3.25 -17.71
N GLY A 103 3.90 -3.78 -18.04
CA GLY A 103 3.77 -4.79 -19.10
C GLY A 103 4.28 -4.20 -20.40
N VAL A 104 3.95 -2.92 -20.65
CA VAL A 104 4.45 -2.29 -21.87
C VAL A 104 5.93 -1.90 -21.76
N ALA A 105 6.38 -1.26 -20.69
CA ALA A 105 7.72 -0.78 -20.48
C ALA A 105 8.76 -1.89 -20.64
N THR A 106 8.45 -3.06 -20.10
CA THR A 106 9.41 -4.16 -20.23
C THR A 106 9.71 -4.53 -21.66
N GLN A 107 8.68 -4.69 -22.48
CA GLN A 107 8.94 -5.07 -23.87
C GLN A 107 9.63 -3.93 -24.63
N LEU A 108 9.25 -2.68 -24.36
CA LEU A 108 9.93 -1.56 -25.09
C LEU A 108 11.37 -1.38 -24.60
N LEU A 109 11.61 -1.53 -23.29
CA LEU A 109 13.02 -1.41 -22.84
C LEU A 109 13.84 -2.57 -23.41
N ALA A 110 13.26 -3.77 -23.55
CA ALA A 110 14.03 -4.88 -24.14
C ALA A 110 14.29 -4.58 -25.62
N ALA A 111 13.32 -4.01 -26.34
CA ALA A 111 13.58 -3.66 -27.75
C ALA A 111 14.70 -2.62 -27.80
N TYR A 112 14.63 -1.65 -26.88
CA TYR A 112 15.69 -0.62 -26.84
C TYR A 112 17.08 -1.24 -26.72
N ILE A 113 17.29 -2.15 -25.76
CA ILE A 113 18.59 -2.80 -25.59
C ILE A 113 19.00 -3.51 -26.86
N LEU A 114 18.13 -4.28 -27.49
CA LEU A 114 18.42 -5.02 -28.68
C LEU A 114 18.72 -4.20 -29.92
N LEU A 115 18.21 -2.99 -30.00
CA LEU A 115 18.44 -2.10 -31.15
C LEU A 115 19.87 -1.61 -31.24
N PHE A 116 20.70 -1.79 -30.21
CA PHE A 116 22.10 -1.41 -30.23
C PHE A 116 22.90 -2.35 -31.15
N ASP A 117 22.44 -3.56 -31.39
CA ASP A 117 23.14 -4.54 -32.24
C ASP A 117 23.21 -4.11 -33.69
N GLU A 118 24.37 -4.11 -34.32
CA GLU A 118 24.48 -3.69 -35.74
C GLU A 118 23.77 -2.36 -35.91
N TYR A 119 24.17 -1.41 -35.07
CA TYR A 119 23.56 -0.10 -34.99
C TYR A 119 23.61 0.69 -36.27
N ASN A 120 22.59 1.52 -36.47
CA ASN A 120 22.56 2.37 -37.66
C ASN A 120 21.63 3.52 -37.33
N GLU A 121 21.45 4.51 -38.19
CA GLU A 121 20.60 5.64 -37.89
C GLU A 121 19.12 5.28 -37.70
N LYS A 122 18.57 4.34 -38.43
CA LYS A 122 17.18 3.93 -38.26
C LYS A 122 16.90 3.35 -36.86
N LYS A 123 17.86 2.57 -36.35
CA LYS A 123 17.75 1.92 -35.03
C LYS A 123 17.86 2.94 -33.92
N ALA A 124 18.67 4.00 -34.13
CA ALA A 124 18.82 5.07 -33.16
C ALA A 124 17.51 5.88 -33.11
N SER A 125 16.91 6.12 -34.27
CA SER A 125 15.63 6.83 -34.33
C SER A 125 14.55 5.94 -33.68
N ALA A 126 14.60 4.64 -33.83
CA ALA A 126 13.66 3.71 -33.19
C ALA A 126 13.83 3.79 -31.67
N GLN A 127 15.08 3.71 -31.18
CA GLN A 127 15.36 3.81 -29.76
C GLN A 127 14.80 5.08 -29.13
N LYS A 128 15.04 6.20 -29.83
CA LYS A 128 14.54 7.50 -29.31
C LYS A 128 13.01 7.52 -29.10
N ASP A 129 12.21 7.15 -30.10
CA ASP A 129 10.75 7.13 -29.97
C ASP A 129 10.28 6.05 -29.01
N ILE A 130 10.94 4.91 -28.93
CA ILE A 130 10.59 3.83 -28.00
C ILE A 130 10.77 4.35 -26.59
N LEU A 131 11.88 5.00 -26.25
CA LEU A 131 12.06 5.53 -24.91
C LEU A 131 11.07 6.61 -24.58
N ILE A 132 10.79 7.48 -25.55
CA ILE A 132 9.81 8.54 -25.34
C ILE A 132 8.44 7.91 -25.05
N LYS A 133 8.09 6.81 -25.71
CA LYS A 133 6.78 6.17 -25.46
C LYS A 133 6.72 5.63 -24.02
N VAL A 134 7.83 5.04 -23.56
CA VAL A 134 7.88 4.53 -22.17
C VAL A 134 7.60 5.69 -21.21
N LEU A 135 8.24 6.83 -21.42
CA LEU A 135 8.02 8.00 -20.57
C LEU A 135 6.62 8.57 -20.67
N ASP A 136 6.11 8.70 -21.90
CA ASP A 136 4.78 9.23 -22.14
C ASP A 136 3.71 8.32 -21.51
N ASP A 137 3.84 7.01 -21.70
CA ASP A 137 2.89 6.03 -21.15
C ASP A 137 2.95 6.10 -19.61
N GLY A 138 4.17 6.27 -19.09
CA GLY A 138 4.38 6.41 -17.64
C GLY A 138 3.68 7.61 -17.05
N ILE A 139 3.78 8.78 -17.69
CA ILE A 139 3.10 9.98 -17.25
C ILE A 139 1.58 9.74 -17.23
N THR A 140 1.06 9.15 -18.30
CA THR A 140 -0.37 8.86 -18.39
C THR A 140 -0.87 7.89 -17.32
N LYS A 141 -0.18 6.76 -17.16
CA LYS A 141 -0.60 5.74 -16.19
C LYS A 141 -0.42 6.23 -14.76
N LEU A 142 0.77 6.82 -14.46
CA LEU A 142 1.00 7.33 -13.11
C LEU A 142 0.00 8.42 -12.78
N ASN A 143 -0.39 9.32 -13.71
CA ASN A 143 -1.39 10.34 -13.34
C ASN A 143 -2.75 9.69 -13.13
N GLU A 144 -3.15 8.63 -13.85
CA GLU A 144 -4.40 7.97 -13.57
C GLU A 144 -4.37 7.32 -12.18
N ALA A 145 -3.25 6.70 -11.84
CA ALA A 145 -3.08 5.99 -10.55
C ALA A 145 -3.09 6.97 -9.40
N GLN A 146 -2.61 8.22 -9.58
CA GLN A 146 -2.69 9.25 -8.57
C GLN A 146 -4.12 9.46 -8.09
N LYS A 147 -5.12 9.42 -8.99
CA LYS A 147 -6.52 9.62 -8.55
C LYS A 147 -6.96 8.49 -7.62
N SER A 148 -6.53 7.26 -7.93
CA SER A 148 -6.86 6.11 -7.09
C SER A 148 -6.24 6.26 -5.71
N LEU A 149 -4.96 6.69 -5.66
CA LEU A 149 -4.27 6.86 -4.39
C LEU A 149 -4.96 7.92 -3.54
N LEU A 150 -5.46 8.98 -4.22
CA LEU A 150 -6.16 10.02 -3.44
C LEU A 150 -7.41 9.43 -2.78
N VAL A 151 -8.22 8.62 -3.48
CA VAL A 151 -9.41 8.05 -2.86
C VAL A 151 -8.99 7.04 -1.75
N SER A 152 -7.91 6.30 -1.94
CA SER A 152 -7.41 5.35 -0.92
C SER A 152 -7.14 6.15 0.37
N SER A 153 -6.45 7.29 0.23
CA SER A 153 -6.10 8.22 1.29
C SER A 153 -7.33 8.77 2.02
N GLN A 154 -8.33 9.22 1.27
CA GLN A 154 -9.57 9.76 1.81
C GLN A 154 -10.28 8.69 2.64
N SER A 155 -10.30 7.46 2.13
CA SER A 155 -10.96 6.38 2.91
C SER A 155 -10.21 6.05 4.20
N PHE A 156 -8.86 6.07 4.18
CA PHE A 156 -8.10 5.87 5.43
C PHE A 156 -8.42 7.03 6.38
N ASN A 157 -8.50 8.25 5.84
CA ASN A 157 -8.80 9.43 6.68
C ASN A 157 -10.21 9.29 7.24
N ASN A 158 -11.18 8.83 6.43
CA ASN A 158 -12.54 8.65 6.98
C ASN A 158 -12.56 7.54 8.03
N ALA A 159 -11.81 6.47 7.81
CA ALA A 159 -11.75 5.36 8.79
C ALA A 159 -11.21 5.88 10.10
N SER A 160 -10.20 6.78 10.07
CA SER A 160 -9.65 7.36 11.31
C SER A 160 -10.75 8.09 12.08
N GLY A 161 -11.61 8.85 11.42
CA GLY A 161 -12.70 9.55 12.14
C GLY A 161 -13.64 8.55 12.81
N LYS A 162 -13.99 7.49 12.09
CA LYS A 162 -14.88 6.45 12.65
C LYS A 162 -14.24 5.71 13.81
N LEU A 163 -12.94 5.42 13.70
CA LEU A 163 -12.24 4.73 14.78
C LEU A 163 -12.18 5.63 16.00
N LEU A 164 -12.06 6.95 15.84
CA LEU A 164 -12.05 7.84 17.02
C LEU A 164 -13.43 7.79 17.68
N ALA A 165 -14.50 7.84 16.88
CA ALA A 165 -15.87 7.73 17.36
C ALA A 165 -16.07 6.37 18.02
N LEU A 166 -15.48 5.28 17.52
CA LEU A 166 -15.67 3.98 18.17
C LEU A 166 -14.97 3.93 19.52
N ASP A 167 -13.78 4.55 19.60
CA ASP A 167 -13.03 4.59 20.85
C ASP A 167 -13.87 5.25 21.95
N SER A 168 -14.51 6.34 21.63
CA SER A 168 -15.41 7.07 22.53
C SER A 168 -16.62 6.20 22.86
N GLN A 169 -17.19 5.50 21.87
CA GLN A 169 -18.33 4.63 22.09
C GLN A 169 -17.99 3.48 23.03
N LEU A 170 -16.87 2.82 22.80
CA LEU A 170 -16.42 1.70 23.62
C LEU A 170 -16.06 2.14 25.02
N THR A 171 -15.45 3.31 25.15
CA THR A 171 -15.16 3.82 26.53
C THR A 171 -16.48 3.91 27.30
N ASN A 172 -17.54 4.41 26.70
CA ASN A 172 -18.84 4.48 27.35
C ASN A 172 -19.42 3.10 27.71
N ASP A 173 -19.60 2.27 26.68
CA ASP A 173 -20.12 0.92 26.84
C ASP A 173 -19.39 0.10 27.89
N PHE A 174 -18.06 0.15 27.89
CA PHE A 174 -17.24 -0.63 28.78
C PHE A 174 -17.02 -0.07 30.17
N SER A 175 -17.52 1.14 30.41
CA SER A 175 -17.37 1.69 31.75
C SER A 175 -18.36 0.89 32.65
N GLU A 176 -17.87 0.64 33.84
CA GLU A 176 -18.53 -0.11 34.87
C GLU A 176 -19.93 0.39 35.16
N LYS A 177 -20.20 1.70 35.14
CA LYS A 177 -21.58 2.13 35.40
C LYS A 177 -22.50 2.03 34.21
N SER A 178 -22.09 1.67 32.98
CA SER A 178 -23.10 1.66 31.92
C SER A 178 -24.11 0.53 31.98
N SER A 179 -25.24 0.70 31.30
CA SER A 179 -26.23 -0.38 31.26
C SER A 179 -25.68 -1.57 30.48
N TYR A 180 -24.85 -1.37 29.47
CA TYR A 180 -24.23 -2.42 28.69
C TYR A 180 -23.36 -3.27 29.59
N PHE A 181 -22.47 -2.67 30.39
CA PHE A 181 -21.58 -3.38 31.25
C PHE A 181 -22.38 -4.13 32.33
N GLN A 182 -23.37 -3.49 32.92
CA GLN A 182 -24.22 -4.14 33.95
C GLN A 182 -24.95 -5.35 33.36
N SER A 183 -25.46 -5.27 32.13
CA SER A 183 -26.12 -6.39 31.50
C SER A 183 -25.15 -7.55 31.26
N GLN A 184 -23.87 -7.26 30.99
CA GLN A 184 -22.87 -8.29 30.81
C GLN A 184 -22.64 -9.04 32.10
N VAL A 185 -22.54 -8.31 33.22
CA VAL A 185 -22.35 -8.95 34.51
C VAL A 185 -23.57 -9.81 34.87
N ASP A 186 -24.78 -9.29 34.67
CA ASP A 186 -26.01 -10.00 35.02
C ASP A 186 -26.13 -11.33 34.30
N LYS A 187 -25.74 -11.40 33.05
CA LYS A 187 -25.76 -12.58 32.19
C LYS A 187 -24.76 -13.63 32.69
N ILE A 188 -23.60 -13.20 33.18
CA ILE A 188 -22.58 -14.10 33.72
C ILE A 188 -23.12 -14.67 35.03
N ARG A 189 -23.76 -13.83 35.84
CA ARG A 189 -24.34 -14.32 37.10
C ARG A 189 -25.36 -15.41 36.81
N LYS A 190 -26.27 -15.17 35.85
CA LYS A 190 -27.26 -16.20 35.49
C LYS A 190 -26.58 -17.47 35.01
N GLU A 191 -25.55 -17.26 34.17
CA GLU A 191 -24.84 -18.43 33.59
C GLU A 191 -24.05 -19.19 34.64
N ALA A 192 -23.64 -18.57 35.74
CA ALA A 192 -22.88 -19.22 36.79
C ALA A 192 -23.69 -20.38 37.36
N TYR A 193 -25.00 -20.15 37.56
CA TYR A 193 -25.82 -21.24 38.11
C TYR A 193 -25.85 -22.39 37.10
N ALA A 194 -26.06 -22.13 35.82
CA ALA A 194 -26.11 -23.24 34.85
C ALA A 194 -24.77 -23.95 34.65
N GLY A 195 -23.63 -23.26 34.83
CA GLY A 195 -22.31 -23.84 34.64
C GLY A 195 -21.74 -24.41 35.93
N ALA A 196 -22.50 -24.53 37.02
CA ALA A 196 -21.88 -25.02 38.27
C ALA A 196 -21.37 -26.45 38.15
N ALA A 197 -22.15 -27.36 37.56
CA ALA A 197 -21.65 -28.76 37.51
C ALA A 197 -20.39 -28.81 36.64
N ALA A 198 -20.36 -28.05 35.52
CA ALA A 198 -19.23 -28.01 34.63
C ALA A 198 -18.03 -27.39 35.31
N GLY A 199 -18.28 -26.43 36.23
CA GLY A 199 -17.14 -25.77 36.90
C GLY A 199 -16.57 -24.66 36.01
N VAL A 200 -17.21 -24.40 34.88
CA VAL A 200 -16.72 -23.43 33.88
C VAL A 200 -17.82 -22.57 33.32
N VAL A 201 -17.56 -21.29 33.03
CA VAL A 201 -18.61 -20.41 32.47
C VAL A 201 -18.06 -19.68 31.24
N VAL A 202 -18.78 -19.80 30.12
CA VAL A 202 -18.36 -19.10 28.90
C VAL A 202 -19.02 -17.71 28.86
N GLY A 203 -18.20 -16.69 28.98
CA GLY A 203 -18.62 -15.28 28.97
C GLY A 203 -18.52 -14.63 27.58
N PRO A 204 -18.42 -13.30 27.56
CA PRO A 204 -18.38 -12.52 26.34
C PRO A 204 -17.02 -12.46 25.65
N PHE A 205 -17.01 -12.15 24.35
CA PHE A 205 -15.78 -12.04 23.59
C PHE A 205 -14.78 -13.18 23.82
N GLY A 206 -15.25 -14.41 23.91
CA GLY A 206 -14.43 -15.61 24.10
C GLY A 206 -13.97 -15.87 25.53
N LEU A 207 -14.32 -15.01 26.50
CA LEU A 207 -13.85 -15.23 27.86
C LEU A 207 -14.37 -16.53 28.45
N ILE A 208 -13.49 -17.25 29.14
CA ILE A 208 -13.91 -18.46 29.85
C ILE A 208 -13.41 -18.27 31.29
N ILE A 209 -14.29 -18.37 32.27
CA ILE A 209 -13.93 -18.18 33.66
C ILE A 209 -14.47 -19.33 34.52
N SER A 210 -13.86 -19.51 35.68
CA SER A 210 -14.27 -20.64 36.52
C SER A 210 -15.63 -20.36 37.15
N TYR A 211 -16.29 -21.41 37.60
CA TYR A 211 -17.60 -21.23 38.27
C TYR A 211 -17.36 -20.34 39.49
N SER A 212 -16.31 -20.55 40.30
CA SER A 212 -16.09 -19.72 41.49
C SER A 212 -16.00 -18.23 41.25
N ILE A 213 -15.35 -17.82 40.15
CA ILE A 213 -15.27 -16.40 39.85
C ILE A 213 -16.64 -15.91 39.38
N ALA A 214 -17.27 -16.67 38.48
CA ALA A 214 -18.56 -16.23 37.96
C ALA A 214 -19.64 -16.14 39.03
N ALA A 215 -19.58 -17.00 40.04
CA ALA A 215 -20.61 -17.02 41.10
C ALA A 215 -20.33 -16.10 42.26
N GLY A 216 -19.15 -15.48 42.21
CA GLY A 216 -18.80 -14.49 43.23
C GLY A 216 -18.35 -15.13 44.52
N VAL A 217 -17.86 -16.36 44.46
CA VAL A 217 -17.38 -17.04 45.67
C VAL A 217 -16.46 -16.15 46.47
N VAL A 218 -15.55 -15.38 45.88
CA VAL A 218 -14.71 -14.42 46.57
C VAL A 218 -15.13 -13.07 45.99
N GLU A 219 -15.73 -12.17 46.77
CA GLU A 219 -16.23 -10.90 46.26
C GLU A 219 -15.18 -10.01 45.65
N GLY A 220 -15.62 -9.15 44.71
CA GLY A 220 -14.75 -8.21 44.02
C GLY A 220 -13.84 -8.85 42.99
N LYS A 221 -14.06 -10.08 42.56
CA LYS A 221 -13.17 -10.73 41.59
C LYS A 221 -13.72 -10.89 40.19
N LEU A 222 -15.04 -10.80 39.98
CA LEU A 222 -15.64 -10.96 38.65
C LEU A 222 -15.45 -9.72 37.78
N ILE A 223 -15.75 -8.53 38.27
CA ILE A 223 -15.65 -7.25 37.58
C ILE A 223 -14.28 -7.05 36.91
N PRO A 224 -13.19 -7.18 37.63
CA PRO A 224 -11.84 -7.00 37.08
C PRO A 224 -11.57 -7.96 35.95
N GLU A 225 -12.01 -9.21 36.06
CA GLU A 225 -11.85 -10.19 34.99
C GLU A 225 -12.64 -9.73 33.76
N LEU A 226 -13.86 -9.20 33.97
CA LEU A 226 -14.63 -8.74 32.82
C LEU A 226 -13.98 -7.49 32.22
N LYS A 227 -13.54 -6.56 33.06
CA LYS A 227 -12.89 -5.33 32.62
C LYS A 227 -11.64 -5.68 31.82
N ASN A 228 -10.87 -6.65 32.29
CA ASN A 228 -9.67 -7.09 31.57
C ASN A 228 -9.97 -7.53 30.14
N LYS A 229 -11.00 -8.35 29.97
CA LYS A 229 -11.39 -8.82 28.64
C LYS A 229 -11.86 -7.68 27.77
N LEU A 230 -12.68 -6.77 28.28
CA LEU A 230 -13.14 -5.61 27.46
C LEU A 230 -11.99 -4.70 27.05
N LYS A 231 -10.98 -4.56 27.90
CA LYS A 231 -9.79 -3.75 27.61
C LYS A 231 -9.05 -4.34 26.41
N SER A 232 -9.00 -5.64 26.30
CA SER A 232 -8.37 -6.36 25.19
C SER A 232 -9.14 -6.01 23.92
N VAL A 233 -10.46 -5.95 23.93
CA VAL A 233 -11.26 -5.55 22.78
C VAL A 233 -10.98 -4.10 22.39
N GLN A 234 -10.93 -3.23 23.40
CA GLN A 234 -10.65 -1.81 23.16
C GLN A 234 -9.25 -1.64 22.61
N ASN A 235 -8.26 -2.35 23.12
CA ASN A 235 -6.90 -2.33 22.65
C ASN A 235 -6.82 -2.77 21.18
N PHE A 236 -7.63 -3.71 20.70
CA PHE A 236 -7.57 -4.15 19.30
C PHE A 236 -7.85 -2.95 18.40
N PHE A 237 -8.83 -2.13 18.75
CA PHE A 237 -9.20 -0.93 17.98
C PHE A 237 -8.20 0.20 18.14
N THR A 238 -7.53 0.33 19.25
CA THR A 238 -6.48 1.37 19.42
C THR A 238 -5.28 0.99 18.54
N THR A 239 -4.96 -0.30 18.50
CA THR A 239 -3.90 -0.79 17.63
C THR A 239 -4.24 -0.48 16.17
N LEU A 240 -5.47 -0.80 15.75
CA LEU A 240 -5.89 -0.53 14.38
C LEU A 240 -5.88 0.96 14.11
N SER A 241 -6.35 1.75 15.07
CA SER A 241 -6.32 3.21 14.90
C SER A 241 -4.90 3.70 14.61
N ASN A 242 -3.92 3.19 15.37
CA ASN A 242 -2.53 3.61 15.12
C ASN A 242 -2.06 3.23 13.72
N THR A 243 -2.38 2.01 13.31
CA THR A 243 -2.01 1.54 11.98
C THR A 243 -2.62 2.36 10.87
N VAL A 244 -3.91 2.69 10.96
CA VAL A 244 -4.58 3.51 9.94
C VAL A 244 -3.98 4.92 9.87
N LYS A 245 -3.68 5.55 11.01
CA LYS A 245 -3.09 6.89 11.00
C LYS A 245 -1.73 6.85 10.30
N GLN A 246 -0.88 5.90 10.63
CA GLN A 246 0.45 5.82 10.00
C GLN A 246 0.33 5.59 8.50
N ALA A 247 -0.54 4.68 8.10
CA ALA A 247 -0.77 4.33 6.71
C ALA A 247 -1.28 5.56 5.96
N ASN A 248 -2.16 6.36 6.56
CA ASN A 248 -2.67 7.57 5.88
C ASN A 248 -1.53 8.54 5.60
N LYS A 249 -0.64 8.75 6.58
CA LYS A 249 0.52 9.64 6.37
C LYS A 249 1.47 9.08 5.32
N ASP A 250 1.72 7.75 5.36
CA ASP A 250 2.65 7.20 4.36
C ASP A 250 2.11 7.23 2.95
N ILE A 251 0.80 6.99 2.78
CA ILE A 251 0.27 7.03 1.41
C ILE A 251 0.28 8.49 0.96
N ASP A 252 -0.01 9.43 1.89
CA ASP A 252 0.06 10.85 1.44
C ASP A 252 1.48 11.23 1.04
N ALA A 253 2.49 10.78 1.77
CA ALA A 253 3.90 11.07 1.46
C ALA A 253 4.28 10.48 0.11
N ALA A 254 3.86 9.23 -0.18
CA ALA A 254 4.15 8.63 -1.48
C ALA A 254 3.47 9.43 -2.60
N LYS A 255 2.20 9.81 -2.47
CA LYS A 255 1.45 10.57 -3.46
C LYS A 255 2.13 11.90 -3.80
N LEU A 256 2.65 12.59 -2.80
CA LEU A 256 3.38 13.86 -2.95
C LEU A 256 4.68 13.60 -3.70
N LYS A 257 5.48 12.59 -3.32
CA LYS A 257 6.71 12.29 -4.07
C LYS A 257 6.36 11.89 -5.51
N LEU A 258 5.24 11.19 -5.72
CA LEU A 258 4.85 10.81 -7.10
C LEU A 258 4.56 12.02 -7.95
N THR A 259 3.86 13.03 -7.43
CA THR A 259 3.61 14.27 -8.18
C THR A 259 4.94 14.88 -8.63
N THR A 260 5.91 14.95 -7.72
CA THR A 260 7.23 15.48 -8.06
C THR A 260 7.91 14.67 -9.15
N GLU A 261 7.94 13.34 -9.04
CA GLU A 261 8.60 12.50 -10.05
C GLU A 261 7.89 12.45 -11.39
N ILE A 262 6.56 12.57 -11.36
CA ILE A 262 5.80 12.57 -12.62
C ILE A 262 6.22 13.85 -13.34
N ALA A 263 6.34 14.98 -12.61
CA ALA A 263 6.81 16.22 -13.23
C ALA A 263 8.24 16.05 -13.74
N ALA A 264 9.11 15.33 -13.01
CA ALA A 264 10.49 15.10 -13.44
C ALA A 264 10.51 14.24 -14.72
N ILE A 265 9.59 13.28 -14.86
CA ILE A 265 9.51 12.50 -16.10
C ILE A 265 9.12 13.46 -17.24
N GLY A 266 8.15 14.35 -17.03
CA GLY A 266 7.78 15.28 -18.10
C GLY A 266 8.97 16.13 -18.55
N GLU A 267 9.74 16.65 -17.60
CA GLU A 267 10.88 17.51 -17.96
C GLU A 267 11.96 16.74 -18.68
N ILE A 268 12.28 15.51 -18.26
CA ILE A 268 13.33 14.75 -18.94
C ILE A 268 12.84 14.27 -20.31
N LYS A 269 11.53 14.06 -20.44
CA LYS A 269 10.96 13.67 -21.73
C LYS A 269 11.19 14.81 -22.74
N THR A 270 10.94 16.06 -22.33
CA THR A 270 11.13 17.20 -23.25
C THR A 270 12.57 17.29 -23.72
N GLU A 271 13.54 17.09 -22.81
CA GLU A 271 14.95 17.14 -23.22
C GLU A 271 15.34 15.96 -24.11
N THR A 272 14.68 14.82 -23.90
CA THR A 272 14.92 13.63 -24.70
C THR A 272 14.42 13.91 -26.12
N GLU A 273 13.28 14.62 -26.25
CA GLU A 273 12.73 14.95 -27.56
C GLU A 273 13.70 15.75 -28.41
N THR A 274 14.55 16.58 -27.80
CA THR A 274 15.45 17.39 -28.65
C THR A 274 16.87 16.84 -28.67
N THR A 275 17.05 15.58 -28.33
CA THR A 275 18.33 14.89 -28.26
C THR A 275 18.64 14.00 -29.46
N ARG A 276 19.87 14.08 -29.99
CA ARG A 276 20.32 13.24 -31.08
C ARG A 276 20.72 11.89 -30.49
N PHE A 277 20.14 10.79 -30.95
CA PHE A 277 20.51 9.48 -30.38
C PHE A 277 21.61 8.82 -31.20
N TYR A 278 21.72 9.20 -32.47
CA TYR A 278 22.68 8.55 -33.37
C TYR A 278 24.04 9.20 -33.19
N VAL A 279 24.70 8.67 -32.18
CA VAL A 279 26.00 9.23 -31.72
C VAL A 279 26.95 8.09 -31.63
N ASP A 280 28.27 8.32 -31.47
CA ASP A 280 29.19 7.19 -31.38
C ASP A 280 29.24 6.74 -29.93
N TYR A 281 28.66 5.60 -29.60
CA TYR A 281 28.67 5.09 -28.24
C TYR A 281 29.86 4.14 -28.07
N ASP A 282 30.84 4.47 -27.23
CA ASP A 282 31.96 3.55 -27.02
C ASP A 282 31.48 2.42 -26.12
N ASP A 283 32.27 1.41 -25.81
CA ASP A 283 31.89 0.26 -25.01
C ASP A 283 31.39 0.64 -23.62
N LEU A 284 32.01 1.58 -22.94
CA LEU A 284 31.54 2.02 -21.63
C LEU A 284 30.20 2.73 -21.70
N MET A 285 29.94 3.43 -22.79
CA MET A 285 28.67 4.17 -22.95
C MET A 285 27.55 3.17 -23.21
N LEU A 286 27.78 2.13 -24.00
CA LEU A 286 26.81 1.09 -24.29
C LEU A 286 26.45 0.34 -23.01
N SER A 287 27.44 -0.02 -22.19
CA SER A 287 27.19 -0.69 -20.94
C SER A 287 26.35 0.17 -20.00
N LEU A 288 26.65 1.46 -19.90
CA LEU A 288 25.86 2.31 -19.01
C LEU A 288 24.38 2.32 -19.41
N LEU A 289 24.07 2.49 -20.68
CA LEU A 289 22.67 2.55 -21.14
C LEU A 289 21.95 1.22 -21.05
N LYS A 290 22.58 0.14 -21.51
CA LYS A 290 22.05 -1.20 -21.45
C LYS A 290 21.78 -1.61 -20.01
N GLU A 291 22.72 -1.27 -19.12
CA GLU A 291 22.54 -1.59 -17.70
C GLU A 291 21.40 -0.79 -17.10
N ALA A 292 21.22 0.49 -17.45
CA ALA A 292 20.12 1.29 -16.93
C ALA A 292 18.78 0.67 -17.35
N ALA A 293 18.68 0.32 -18.65
CA ALA A 293 17.45 -0.27 -19.15
C ALA A 293 17.16 -1.61 -18.49
N LYS A 294 18.16 -2.46 -18.30
CA LYS A 294 17.97 -3.77 -17.68
C LYS A 294 17.50 -3.69 -16.23
N LYS A 295 18.02 -2.68 -15.53
CA LYS A 295 17.65 -2.47 -14.14
C LYS A 295 16.16 -2.14 -14.08
N MET A 296 15.67 -1.29 -14.99
CA MET A 296 14.24 -0.97 -14.94
C MET A 296 13.43 -2.18 -15.35
N ILE A 297 13.90 -2.99 -16.32
CA ILE A 297 13.20 -4.21 -16.70
C ILE A 297 13.10 -5.14 -15.49
N ASN A 298 14.19 -5.28 -14.71
CA ASN A 298 14.11 -6.15 -13.51
C ASN A 298 13.08 -5.57 -12.52
N THR A 299 13.04 -4.23 -12.40
CA THR A 299 12.02 -3.68 -11.47
C THR A 299 10.61 -4.03 -11.97
N CYS A 300 10.37 -3.85 -13.27
CA CYS A 300 9.04 -4.18 -13.83
C CYS A 300 8.69 -5.65 -13.59
N ASN A 301 9.61 -6.59 -13.78
CA ASN A 301 9.38 -8.01 -13.59
C ASN A 301 9.10 -8.33 -12.11
N GLU A 302 9.86 -7.73 -11.20
CA GLU A 302 9.63 -7.95 -9.77
C GLU A 302 8.23 -7.46 -9.37
N TYR A 303 7.84 -6.30 -9.91
CA TYR A 303 6.55 -5.72 -9.62
C TYR A 303 5.44 -6.57 -10.21
N GLN A 304 5.48 -6.90 -11.52
CA GLN A 304 4.42 -7.73 -12.09
C GLN A 304 4.37 -9.10 -11.41
N LYS A 305 5.48 -9.68 -11.01
CA LYS A 305 5.43 -11.00 -10.32
C LYS A 305 4.73 -10.91 -8.96
N ARG A 306 4.98 -9.86 -8.19
CA ARG A 306 4.35 -9.67 -6.88
C ARG A 306 2.83 -9.57 -7.09
N HIS A 307 2.43 -8.88 -8.15
CA HIS A 307 1.03 -8.69 -8.52
C HIS A 307 0.43 -9.75 -9.44
N GLY A 308 0.87 -10.98 -9.33
CA GLY A 308 0.38 -12.15 -10.01
C GLY A 308 0.71 -12.60 -11.39
N LYS A 309 1.66 -11.97 -12.10
CA LYS A 309 1.99 -12.38 -13.46
C LYS A 309 2.62 -13.78 -13.38
N LYS A 310 2.10 -14.68 -14.21
CA LYS A 310 2.63 -16.06 -14.14
C LYS A 310 3.90 -16.29 -14.96
N THR A 311 4.03 -15.67 -16.14
CA THR A 311 5.25 -15.91 -16.92
C THR A 311 6.32 -14.87 -16.65
N LEU A 312 7.56 -15.26 -16.92
CA LEU A 312 8.67 -14.32 -16.64
C LEU A 312 9.34 -13.91 -17.95
N PHE A 313 9.30 -12.59 -18.19
CA PHE A 313 9.87 -12.00 -19.40
C PHE A 313 11.41 -12.14 -19.38
S SO4 B . -6.92 -15.38 19.82
O1 SO4 B . -7.85 -16.23 18.98
O2 SO4 B . -6.16 -16.16 20.83
O3 SO4 B . -7.83 -14.40 20.52
O4 SO4 B . -5.97 -14.68 18.92
#